data_3X00
#
_entry.id   3X00
#
_cell.length_a   77.354
_cell.length_b   77.377
_cell.length_c   174.122
_cell.angle_alpha   90.00
_cell.angle_beta   90.00
_cell.angle_gamma   90.00
#
_symmetry.space_group_name_H-M   'C 2 2 21'
#
loop_
_entity.id
_entity.type
_entity.pdbx_description
1 polymer Streptavidin
2 non-polymer '6-({5-[(2E,3aS,4S,6aR)-2-iminohexahydro-1H-thieno[3,4-d]imidazol-4-yl]pentanoyl}amino)hexanoic acid'
3 non-polymer ETHANE-1,2-DIAMINE
4 water water
#
_entity_poly.entity_id   1
_entity_poly.type   'polypeptide(L)'
_entity_poly.pdbx_seq_one_letter_code
;MASMTGGQQMGRGSAEAGITGTWSDQLGDTFIVTAGADGALTGTYENAVGNAESRYVLTGRYDSAPATDGSGTALGWTVA
WKNNSKNAHSATTWSGQYVGGADAKINTQWLLTSGTTNANAWKSTLVGHDTFTKVKPSAASHHHHHH
;
_entity_poly.pdbx_strand_id   A,B,C,D
#
loop_
_chem_comp.id
_chem_comp.type
_chem_comp.name
_chem_comp.formula
EDN non-polymer ETHANE-1,2-DIAMINE 'C2 H8 N2'
ZOF non-polymer '6-({5-[(2E,3aS,4S,6aR)-2-iminohexahydro-1H-thieno[3,4-d]imidazol-4-yl]pentanoyl}amino)hexanoic acid' 'C16 H28 N4 O3 S'
#
# COMPACT_ATOMS: atom_id res chain seq x y z
N GLY A 13 23.37 -4.83 21.35
CA GLY A 13 22.02 -4.35 21.80
C GLY A 13 20.94 -5.42 21.64
N SER A 14 19.85 -5.27 22.38
CA SER A 14 18.70 -6.18 22.28
C SER A 14 18.16 -6.17 20.83
N ALA A 15 17.91 -4.97 20.23
CA ALA A 15 17.37 -4.78 18.83
C ALA A 15 18.34 -5.48 17.82
N GLU A 16 19.62 -5.16 17.96
CA GLU A 16 20.70 -5.71 17.13
C GLU A 16 20.74 -7.25 17.17
N ALA A 17 20.80 -7.80 18.38
CA ALA A 17 20.91 -9.30 18.46
C ALA A 17 19.61 -10.02 18.02
N GLY A 18 18.47 -9.36 18.28
CA GLY A 18 17.18 -9.94 17.99
C GLY A 18 16.99 -10.10 16.48
N ILE A 19 17.24 -8.98 15.78
CA ILE A 19 17.09 -8.95 14.32
C ILE A 19 18.07 -9.86 13.62
N THR A 20 19.30 -9.93 14.11
CA THR A 20 20.29 -10.75 13.41
C THR A 20 19.99 -12.23 13.35
N GLY A 21 20.08 -12.81 12.16
CA GLY A 21 19.90 -14.25 12.01
C GLY A 21 19.21 -14.66 10.74
N THR A 22 18.66 -15.87 10.65
CA THR A 22 17.99 -16.34 9.47
C THR A 22 16.52 -16.48 9.71
N TRP A 23 15.75 -15.88 8.81
CA TRP A 23 14.31 -15.83 8.91
C TRP A 23 13.70 -16.48 7.69
N SER A 24 12.50 -17.04 7.88
CA SER A 24 11.75 -17.63 6.82
CA SER A 24 11.77 -17.58 6.76
C SER A 24 10.40 -16.96 6.74
N ASP A 25 9.97 -16.65 5.52
CA ASP A 25 8.68 -16.03 5.34
C ASP A 25 7.61 -17.14 5.18
N GLN A 26 6.36 -16.73 5.04
CA GLN A 26 5.26 -17.73 4.93
C GLN A 26 5.23 -18.43 3.56
N LEU A 27 6.00 -17.98 2.57
CA LEU A 27 6.13 -18.68 1.27
C LEU A 27 7.33 -19.64 1.34
N GLY A 28 8.04 -19.62 2.45
CA GLY A 28 9.26 -20.42 2.65
C GLY A 28 10.55 -19.85 2.02
N ASP A 29 10.52 -18.59 1.57
CA ASP A 29 11.78 -17.95 1.15
C ASP A 29 12.55 -17.53 2.43
N THR A 30 13.85 -17.27 2.27
CA THR A 30 14.80 -17.15 3.39
C THR A 30 15.48 -15.78 3.32
N PHE A 31 15.47 -15.11 4.45
CA PHE A 31 15.92 -13.75 4.69
CA PHE A 31 16.04 -13.80 4.63
C PHE A 31 17.08 -13.94 5.73
N ILE A 32 18.35 -13.73 5.34
CA ILE A 32 19.45 -13.84 6.20
C ILE A 32 19.94 -12.40 6.48
N VAL A 33 19.92 -11.93 7.71
CA VAL A 33 20.19 -10.50 8.02
C VAL A 33 21.16 -10.36 9.17
N THR A 34 22.02 -9.35 9.07
CA THR A 34 22.77 -8.86 10.17
C THR A 34 22.38 -7.39 10.44
N ALA A 35 22.17 -7.09 11.73
CA ALA A 35 21.83 -5.71 12.20
C ALA A 35 23.11 -5.16 12.86
N GLY A 36 23.51 -3.95 12.46
CA GLY A 36 24.71 -3.30 12.95
C GLY A 36 24.40 -2.30 14.00
N ALA A 37 25.44 -1.80 14.70
CA ALA A 37 25.21 -1.01 15.89
C ALA A 37 24.75 0.40 15.53
N ASP A 38 25.08 0.76 14.28
CA ASP A 38 24.79 2.05 13.71
C ASP A 38 23.38 2.07 13.08
N GLY A 39 22.54 1.00 13.16
CA GLY A 39 21.23 1.03 12.48
C GLY A 39 21.19 0.39 11.13
N ALA A 40 22.30 -0.11 10.66
CA ALA A 40 22.35 -0.73 9.32
C ALA A 40 21.79 -2.17 9.36
N LEU A 41 21.11 -2.52 8.24
CA LEU A 41 20.79 -3.90 7.97
C LEU A 41 21.45 -4.31 6.63
N THR A 42 22.05 -5.50 6.67
CA THR A 42 22.66 -6.12 5.52
CA THR A 42 22.57 -6.09 5.47
C THR A 42 22.33 -7.63 5.46
N GLY A 43 22.30 -8.19 4.28
CA GLY A 43 22.14 -9.63 4.17
C GLY A 43 21.80 -10.12 2.80
N THR A 44 21.04 -11.25 2.77
CA THR A 44 20.69 -11.87 1.53
CA THR A 44 20.72 -11.93 1.54
C THR A 44 19.27 -12.39 1.59
N TYR A 45 18.56 -12.28 0.46
CA TYR A 45 17.25 -12.91 0.30
CA TYR A 45 17.26 -12.95 0.24
C TYR A 45 17.57 -14.13 -0.60
N GLU A 46 17.00 -15.28 -0.29
CA GLU A 46 17.10 -16.43 -1.18
CA GLU A 46 17.13 -16.52 -1.10
C GLU A 46 15.82 -17.26 -1.23
N ASN A 47 15.66 -18.10 -2.24
CA ASN A 47 14.37 -18.78 -2.46
CA ASN A 47 14.36 -18.70 -2.39
C ASN A 47 14.25 -20.05 -1.63
N ALA A 48 13.01 -20.53 -1.46
CA ALA A 48 12.74 -21.73 -0.64
C ALA A 48 13.58 -22.96 -1.07
N VAL A 49 13.78 -23.16 -2.38
CA VAL A 49 14.60 -24.30 -2.88
C VAL A 49 16.12 -24.15 -2.60
N GLY A 50 16.58 -22.95 -2.23
CA GLY A 50 17.95 -22.74 -1.76
C GLY A 50 18.97 -22.42 -2.85
N ASN A 51 18.47 -22.23 -4.07
CA ASN A 51 19.27 -22.05 -5.31
C ASN A 51 20.34 -20.88 -5.34
N ALA A 52 21.60 -21.16 -5.72
CA ALA A 52 22.65 -20.07 -5.74
C ALA A 52 22.33 -18.88 -6.71
N GLU A 53 21.64 -19.24 -7.77
CA GLU A 53 21.15 -18.28 -8.78
C GLU A 53 19.91 -17.52 -8.27
N SER A 54 19.45 -17.82 -7.04
CA SER A 54 18.25 -17.33 -6.39
CA SER A 54 18.29 -17.12 -6.59
C SER A 54 18.57 -16.31 -5.28
N ARG A 55 19.83 -15.90 -5.13
CA ARG A 55 20.28 -15.11 -3.97
C ARG A 55 20.53 -13.70 -4.35
N TYR A 56 19.97 -12.78 -3.54
CA TYR A 56 20.09 -11.39 -3.86
C TYR A 56 20.46 -10.57 -2.61
N VAL A 57 21.23 -9.52 -2.83
CA VAL A 57 21.64 -8.62 -1.75
C VAL A 57 20.47 -7.83 -1.23
N LEU A 58 20.49 -7.61 0.10
CA LEU A 58 19.60 -6.67 0.72
C LEU A 58 20.33 -5.67 1.58
N THR A 59 19.76 -4.46 1.70
CA THR A 59 20.26 -3.41 2.57
CA THR A 59 20.25 -3.46 2.59
C THR A 59 19.06 -2.67 3.14
N GLY A 60 19.21 -2.21 4.37
CA GLY A 60 18.16 -1.42 4.99
C GLY A 60 18.60 -0.77 6.26
N ARG A 61 17.64 -0.38 7.06
CA ARG A 61 17.85 0.39 8.31
C ARG A 61 16.88 -0.17 9.35
N TYR A 62 17.26 -0.05 10.63
CA TYR A 62 16.37 -0.35 11.73
C TYR A 62 16.58 0.67 12.84
N ASP A 63 15.60 0.77 13.73
CA ASP A 63 15.72 1.58 14.96
C ASP A 63 16.57 0.84 16.00
N SER A 64 17.81 1.35 16.19
CA SER A 64 18.78 0.74 17.11
C SER A 64 18.54 1.07 18.54
N ALA A 65 17.55 1.92 18.84
CA ALA A 65 17.19 2.23 20.21
C ALA A 65 15.68 2.30 20.37
N PRO A 66 15.00 1.16 20.21
CA PRO A 66 13.55 1.13 20.21
C PRO A 66 12.95 1.55 21.55
N ALA A 67 11.68 1.91 21.49
CA ALA A 67 10.96 2.21 22.72
C ALA A 67 11.02 0.96 23.68
N THR A 68 11.00 1.30 24.96
CA THR A 68 11.05 0.30 26.07
C THR A 68 9.70 0.13 26.72
N ASP A 69 8.64 0.11 25.93
CA ASP A 69 7.26 0.02 26.40
C ASP A 69 6.48 -1.19 25.89
N GLY A 70 7.21 -2.15 25.35
CA GLY A 70 6.64 -3.36 24.78
C GLY A 70 6.37 -3.24 23.28
N SER A 71 6.63 -2.08 22.68
CA SER A 71 6.48 -1.93 21.23
C SER A 71 7.55 -2.66 20.48
N GLY A 72 7.22 -3.01 19.23
CA GLY A 72 8.22 -3.59 18.32
C GLY A 72 9.26 -2.57 17.87
N THR A 73 10.19 -3.13 17.14
CA THR A 73 11.32 -2.37 16.62
C THR A 73 11.16 -2.09 15.12
N ALA A 74 11.03 -0.86 14.73
CA ALA A 74 10.77 -0.52 13.31
C ALA A 74 11.98 -0.83 12.46
N LEU A 75 11.73 -1.29 11.25
CA LEU A 75 12.81 -1.55 10.31
CA LEU A 75 12.81 -1.57 10.30
C LEU A 75 12.31 -1.58 8.87
N GLY A 76 13.21 -1.50 7.90
CA GLY A 76 12.85 -1.70 6.51
C GLY A 76 14.08 -2.15 5.72
N TRP A 77 13.85 -2.79 4.59
CA TRP A 77 15.00 -3.13 3.73
C TRP A 77 14.51 -3.25 2.29
N THR A 78 15.46 -3.22 1.37
CA THR A 78 15.26 -3.28 -0.05
C THR A 78 16.05 -4.46 -0.63
N VAL A 79 15.46 -5.14 -1.61
CA VAL A 79 16.15 -6.03 -2.56
C VAL A 79 15.83 -5.46 -3.93
N ALA A 80 16.88 -5.18 -4.70
CA ALA A 80 16.74 -5.07 -6.17
C ALA A 80 17.01 -6.42 -6.79
N TRP A 81 16.09 -6.81 -7.68
CA TRP A 81 16.09 -8.20 -8.19
C TRP A 81 17.02 -8.43 -9.37
N LYS A 82 18.25 -8.00 -9.16
CA LYS A 82 19.40 -8.27 -10.02
C LYS A 82 20.44 -8.95 -9.23
N ASN A 83 21.01 -10.05 -9.74
CA ASN A 83 22.18 -10.69 -9.14
C ASN A 83 23.12 -10.97 -10.33
N ASN A 84 24.09 -11.89 -10.12
CA ASN A 84 25.08 -12.11 -11.19
C ASN A 84 24.50 -12.72 -12.43
N SER A 85 23.36 -13.35 -12.35
CA SER A 85 22.82 -14.10 -13.49
C SER A 85 21.38 -13.83 -13.86
N LYS A 86 20.69 -13.02 -13.07
CA LYS A 86 19.30 -12.74 -13.28
C LYS A 86 19.03 -11.26 -13.12
N ASN A 87 18.02 -10.78 -13.82
CA ASN A 87 17.57 -9.38 -13.61
C ASN A 87 16.13 -9.27 -13.95
N ALA A 88 15.31 -9.12 -12.90
CA ALA A 88 13.84 -8.96 -13.07
C ALA A 88 13.38 -7.48 -13.12
N HIS A 89 14.32 -6.53 -13.23
CA HIS A 89 14.06 -5.09 -13.42
C HIS A 89 12.99 -4.63 -12.44
N SER A 90 13.26 -4.82 -11.16
CA SER A 90 12.31 -4.55 -10.13
C SER A 90 12.99 -4.47 -8.79
N ALA A 91 12.33 -3.94 -7.78
CA ALA A 91 12.85 -3.90 -6.41
C ALA A 91 11.70 -4.00 -5.44
N THR A 92 11.90 -4.75 -4.37
CA THR A 92 10.95 -4.80 -3.30
C THR A 92 11.47 -4.14 -2.07
N THR A 93 10.61 -3.37 -1.40
CA THR A 93 10.93 -2.83 -0.07
C THR A 93 9.96 -3.45 0.92
N TRP A 94 10.50 -3.94 2.01
CA TRP A 94 9.74 -4.44 3.16
C TRP A 94 9.82 -3.38 4.26
N SER A 95 8.69 -3.02 4.84
CA SER A 95 8.58 -2.07 5.95
C SER A 95 7.85 -2.81 7.06
N GLY A 96 8.38 -2.82 8.30
CA GLY A 96 7.65 -3.50 9.34
C GLY A 96 8.31 -3.35 10.67
N GLN A 97 8.09 -4.32 11.52
CA GLN A 97 8.62 -4.30 12.85
C GLN A 97 8.96 -5.68 13.35
N TYR A 98 10.02 -5.71 14.12
CA TYR A 98 10.52 -6.90 14.83
C TYR A 98 9.87 -6.93 16.18
N VAL A 99 9.29 -8.10 16.50
CA VAL A 99 8.62 -8.33 17.78
C VAL A 99 9.36 -9.49 18.45
N GLY A 100 10.05 -9.24 19.56
CA GLY A 100 10.87 -10.26 20.14
C GLY A 100 10.02 -11.11 21.09
N GLY A 101 10.72 -12.01 21.76
CA GLY A 101 10.07 -12.99 22.66
C GLY A 101 10.45 -14.40 22.27
N ALA A 102 9.81 -15.39 22.92
CA ALA A 102 9.80 -16.75 22.39
C ALA A 102 8.88 -16.63 21.16
N ASP A 103 9.30 -17.18 20.03
CA ASP A 103 8.52 -17.00 18.78
C ASP A 103 8.51 -15.51 18.37
N ALA A 104 9.74 -15.04 18.21
CA ALA A 104 9.98 -13.73 17.72
C ALA A 104 9.49 -13.73 16.25
N LYS A 105 9.06 -12.58 15.78
CA LYS A 105 8.52 -12.40 14.41
CA LYS A 105 8.55 -12.42 14.40
C LYS A 105 9.02 -11.10 13.84
N ILE A 106 9.12 -11.04 12.53
CA ILE A 106 9.16 -9.76 11.87
C ILE A 106 7.94 -9.69 11.00
N ASN A 107 7.11 -8.68 11.27
CA ASN A 107 5.86 -8.50 10.59
C ASN A 107 5.99 -7.35 9.57
N THR A 108 5.80 -7.61 8.28
CA THR A 108 6.05 -6.59 7.28
C THR A 108 4.89 -6.45 6.28
N GLN A 109 4.88 -5.28 5.64
CA GLN A 109 4.16 -5.01 4.40
C GLN A 109 5.23 -4.66 3.37
N TRP A 110 5.01 -4.92 2.09
CA TRP A 110 5.98 -4.69 1.07
C TRP A 110 5.37 -4.01 -0.18
N LEU A 111 6.25 -3.35 -0.94
CA LEU A 111 5.98 -2.71 -2.21
C LEU A 111 6.97 -3.23 -3.20
N LEU A 112 6.53 -3.75 -4.35
CA LEU A 112 7.43 -4.27 -5.38
CA LEU A 112 7.43 -4.26 -5.39
C LEU A 112 7.20 -3.46 -6.65
N THR A 113 8.16 -2.60 -7.02
CA THR A 113 8.01 -1.77 -8.18
C THR A 113 8.86 -2.40 -9.31
N SER A 114 8.23 -2.53 -10.48
CA SER A 114 8.94 -2.87 -11.70
C SER A 114 9.17 -1.62 -12.52
N GLY A 115 10.28 -1.61 -13.26
CA GLY A 115 10.52 -0.57 -14.24
C GLY A 115 9.47 -0.69 -15.34
N THR A 116 8.80 0.39 -15.69
CA THR A 116 7.75 0.40 -16.73
C THR A 116 7.94 1.68 -17.53
N THR A 117 7.27 1.68 -18.71
CA THR A 117 7.02 2.92 -19.38
C THR A 117 6.02 3.78 -18.58
N ASN A 118 5.95 5.08 -18.89
CA ASN A 118 5.01 5.96 -18.18
C ASN A 118 3.57 5.49 -18.45
N ALA A 119 3.26 4.99 -19.65
CA ALA A 119 1.90 4.53 -19.96
C ALA A 119 1.50 3.36 -19.09
N ASN A 120 2.46 2.54 -18.70
CA ASN A 120 2.17 1.38 -17.87
C ASN A 120 2.50 1.58 -16.38
N ALA A 121 2.81 2.81 -15.98
CA ALA A 121 3.20 3.04 -14.60
C ALA A 121 2.10 2.69 -13.60
N TRP A 122 0.83 2.76 -14.00
CA TRP A 122 -0.25 2.37 -13.08
C TRP A 122 -0.19 0.90 -12.71
N LYS A 123 0.49 0.06 -13.46
CA LYS A 123 0.59 -1.33 -13.15
C LYS A 123 2.03 -1.67 -12.69
N SER A 124 2.75 -0.66 -12.21
CA SER A 124 4.19 -0.84 -11.83
C SER A 124 4.37 -1.46 -10.47
N THR A 125 3.43 -1.28 -9.53
CA THR A 125 3.74 -1.54 -8.13
C THR A 125 2.77 -2.50 -7.49
N LEU A 126 3.28 -3.65 -7.09
CA LEU A 126 2.54 -4.64 -6.29
C LEU A 126 2.67 -4.31 -4.81
N VAL A 127 1.69 -4.73 -4.04
CA VAL A 127 1.69 -4.65 -2.58
C VAL A 127 1.37 -5.94 -1.94
N GLY A 128 1.95 -6.25 -0.80
CA GLY A 128 1.64 -7.46 -0.09
C GLY A 128 2.16 -7.40 1.32
N HIS A 129 2.18 -8.53 1.96
CA HIS A 129 2.63 -8.68 3.36
C HIS A 129 3.33 -9.98 3.61
N ASP A 130 4.45 -9.96 4.37
CA ASP A 130 5.18 -11.18 4.66
C ASP A 130 5.45 -11.16 6.16
N THR A 131 5.33 -12.32 6.78
CA THR A 131 5.60 -12.53 8.21
C THR A 131 6.72 -13.53 8.29
N PHE A 132 7.76 -13.20 9.06
CA PHE A 132 8.93 -14.03 9.17
C PHE A 132 9.03 -14.60 10.54
N THR A 133 9.49 -15.83 10.57
CA THR A 133 9.79 -16.58 11.80
C THR A 133 11.27 -16.91 11.78
N LYS A 134 11.92 -16.92 12.93
CA LYS A 134 13.38 -16.99 12.97
C LYS A 134 13.72 -18.47 13.01
N VAL A 135 14.63 -18.92 12.16
CA VAL A 135 14.99 -20.35 12.08
C VAL A 135 16.19 -20.58 12.96
N LYS A 136 17.12 -19.61 12.93
CA LYS A 136 18.32 -19.63 13.78
C LYS A 136 19.24 -18.46 13.43
N GLY B 13 27.62 4.07 -15.65
CA GLY B 13 26.32 3.67 -16.27
C GLY B 13 25.32 4.83 -16.22
N SER B 14 24.38 4.77 -17.17
CA SER B 14 23.32 5.75 -17.27
C SER B 14 22.47 5.71 -15.95
N ALA B 15 22.15 4.50 -15.39
CA ALA B 15 21.31 4.29 -14.14
C ALA B 15 22.00 4.99 -12.94
N GLU B 16 23.28 4.66 -12.79
CA GLU B 16 24.15 5.20 -11.77
C GLU B 16 24.23 6.75 -11.78
N ALA B 17 24.58 7.30 -12.92
CA ALA B 17 24.72 8.80 -12.99
C ALA B 17 23.38 9.54 -12.87
N GLY B 18 22.30 8.92 -13.41
CA GLY B 18 20.97 9.51 -13.40
C GLY B 18 20.45 9.68 -11.98
N ILE B 19 20.54 8.60 -11.22
CA ILE B 19 20.04 8.59 -9.85
C ILE B 19 20.85 9.49 -8.95
N THR B 20 22.19 9.50 -9.11
CA THR B 20 23.00 10.30 -8.21
C THR B 20 22.70 11.78 -8.25
N GLY B 21 22.49 12.37 -7.08
CA GLY B 21 22.30 13.80 -6.96
C GLY B 21 21.37 14.22 -5.84
N THR B 22 20.81 15.42 -5.90
CA THR B 22 19.92 15.94 -4.91
C THR B 22 18.54 16.09 -5.47
N TRP B 23 17.56 15.49 -4.78
CA TRP B 23 16.18 15.44 -5.20
C TRP B 23 15.34 16.11 -4.16
N SER B 24 14.21 16.69 -4.62
CA SER B 24 13.23 17.31 -3.74
CA SER B 24 13.26 17.30 -3.70
C SER B 24 11.91 16.68 -3.99
N ASP B 25 11.20 16.39 -2.89
CA ASP B 25 9.90 15.78 -3.00
C ASP B 25 8.86 16.93 -3.10
N GLN B 26 7.60 16.55 -3.25
CA GLN B 26 6.54 17.54 -3.43
C GLN B 26 6.16 18.23 -2.08
N LEU B 27 6.70 17.76 -0.96
CA LEU B 27 6.54 18.44 0.36
C LEU B 27 7.73 19.43 0.57
N GLY B 28 8.68 19.43 -0.36
CA GLY B 28 9.92 20.20 -0.24
C GLY B 28 11.04 19.58 0.63
N ASP B 29 10.91 18.33 1.09
CA ASP B 29 12.02 17.65 1.75
C ASP B 29 13.05 17.21 0.70
N THR B 30 14.27 16.92 1.16
CA THR B 30 15.44 16.81 0.29
C THR B 30 16.06 15.43 0.49
N PHE B 31 16.29 14.76 -0.63
CA PHE B 31 16.79 13.41 -0.73
CA PHE B 31 16.90 13.46 -0.64
C PHE B 31 18.13 13.57 -1.50
N ILE B 32 19.29 13.35 -0.84
CA ILE B 32 20.55 13.40 -1.41
C ILE B 32 21.06 11.94 -1.56
N VAL B 33 21.31 11.49 -2.78
CA VAL B 33 21.63 10.08 -3.01
C VAL B 33 22.86 9.90 -3.89
N THR B 34 23.64 8.85 -3.60
CA THR B 34 24.61 8.34 -4.52
C THR B 34 24.30 6.90 -4.86
N ALA B 35 24.34 6.62 -6.16
CA ALA B 35 24.12 5.24 -6.70
C ALA B 35 25.49 4.66 -7.06
N GLY B 36 25.79 3.43 -6.59
CA GLY B 36 27.05 2.76 -6.85
C GLY B 36 26.97 1.72 -7.91
N ALA B 37 28.13 1.22 -8.37
CA ALA B 37 28.18 0.37 -9.55
C ALA B 37 27.59 -1.02 -9.28
N ASP B 38 27.65 -1.37 -8.01
CA ASP B 38 27.23 -2.64 -7.49
C ASP B 38 25.70 -2.62 -7.17
N GLY B 39 24.92 -1.55 -7.46
CA GLY B 39 23.49 -1.53 -7.14
C GLY B 39 23.15 -0.87 -5.84
N ALA B 40 24.15 -0.38 -5.13
CA ALA B 40 23.88 0.23 -3.79
C ALA B 40 23.36 1.68 -3.95
N LEU B 41 22.48 2.06 -3.01
CA LEU B 41 22.09 3.43 -2.82
C LEU B 41 22.45 3.85 -1.38
N THR B 42 23.06 5.02 -1.28
CA THR B 42 23.41 5.63 0.00
CA THR B 42 23.31 5.60 0.02
C THR B 42 23.07 7.12 -0.01
N GLY B 43 22.79 7.67 1.16
CA GLY B 43 22.60 9.13 1.19
C GLY B 43 21.97 9.65 2.44
N THR B 44 21.30 10.80 2.31
CA THR B 44 20.69 11.43 3.44
CA THR B 44 20.65 11.47 3.43
C THR B 44 19.30 11.99 3.06
N TYR B 45 18.36 11.88 3.99
CA TYR B 45 17.05 12.52 3.84
CA TYR B 45 17.07 12.58 3.90
C TYR B 45 17.18 13.74 4.81
N GLU B 46 16.66 14.88 4.38
CA GLU B 46 16.57 16.07 5.21
CA GLU B 46 16.57 16.06 5.23
C GLU B 46 15.29 16.85 5.02
N ASN B 47 14.88 17.61 6.04
CA ASN B 47 13.67 18.42 5.86
CA ASN B 47 13.69 18.48 5.93
C ASN B 47 13.83 19.64 4.92
N ALA B 48 12.66 20.16 4.49
CA ALA B 48 12.59 21.35 3.63
C ALA B 48 13.32 22.56 4.28
N VAL B 49 13.28 22.64 5.63
CA VAL B 49 13.99 23.68 6.42
C VAL B 49 15.52 23.62 6.24
N GLY B 50 16.13 22.43 6.30
CA GLY B 50 17.61 22.30 6.15
C GLY B 50 18.38 21.81 7.38
N ASN B 51 17.84 22.11 8.56
CA ASN B 51 18.30 21.64 9.92
C ASN B 51 19.18 20.33 10.10
N ALA B 52 20.41 20.40 10.71
CA ALA B 52 21.24 19.12 11.01
C ALA B 52 20.56 18.01 11.88
N GLU B 53 19.72 18.57 12.76
CA GLU B 53 18.85 17.73 13.61
C GLU B 53 17.73 17.07 12.82
N SER B 54 17.57 17.41 11.52
CA SER B 54 16.57 16.92 10.61
CA SER B 54 16.55 16.71 10.81
C SER B 54 17.11 15.92 9.60
N ARG B 55 18.36 15.48 9.74
CA ARG B 55 19.04 14.66 8.73
C ARG B 55 19.16 13.25 9.14
N TYR B 56 18.82 12.32 8.22
CA TYR B 56 18.82 10.91 8.55
C TYR B 56 19.45 10.10 7.44
N VAL B 57 20.13 9.05 7.82
CA VAL B 57 20.77 8.15 6.83
C VAL B 57 19.75 7.37 6.06
N LEU B 58 20.07 7.17 4.77
CA LEU B 58 19.34 6.22 3.96
C LEU B 58 20.24 5.24 3.29
N THR B 59 19.68 4.05 3.05
CA THR B 59 20.36 2.98 2.32
CA THR B 59 20.35 3.06 2.26
C THR B 59 19.32 2.26 1.50
N GLY B 60 19.73 1.74 0.33
CA GLY B 60 18.84 0.97 -0.50
C GLY B 60 19.55 0.34 -1.68
N ARG B 61 18.77 -0.04 -2.68
CA ARG B 61 19.28 -0.79 -3.85
C ARG B 61 18.58 -0.25 -5.08
N TYR B 62 19.23 -0.38 -6.23
CA TYR B 62 18.60 -0.04 -7.50
C TYR B 62 19.04 -1.08 -8.54
N ASP B 63 18.30 -1.16 -9.62
CA ASP B 63 18.74 -1.96 -10.80
C ASP B 63 19.79 -1.23 -11.62
N SER B 64 21.01 -1.80 -11.51
CA SER B 64 22.15 -1.18 -12.17
C SER B 64 22.26 -1.50 -13.64
N ALA B 65 21.33 -2.34 -14.16
CA ALA B 65 21.31 -2.64 -15.58
C ALA B 65 19.88 -2.66 -16.05
N PRO B 66 19.19 -1.50 -16.06
CA PRO B 66 17.79 -1.49 -16.43
C PRO B 66 17.50 -1.92 -17.86
N ALA B 67 16.25 -2.21 -18.11
CA ALA B 67 15.86 -2.53 -19.45
C ALA B 67 16.10 -1.31 -20.38
N THR B 68 16.35 -1.62 -21.62
CA THR B 68 16.68 -0.62 -22.68
C THR B 68 15.55 -0.44 -23.67
N ASP B 69 14.35 -0.38 -23.14
CA ASP B 69 13.13 -0.27 -23.91
C ASP B 69 12.29 0.95 -23.55
N GLY B 70 12.88 1.91 -22.84
CA GLY B 70 12.20 3.11 -22.40
C GLY B 70 11.61 3.00 -21.01
N SER B 71 11.67 1.83 -20.38
CA SER B 71 11.21 1.66 -19.00
CA SER B 71 11.12 1.77 -19.04
C SER B 71 12.05 2.42 -18.03
N GLY B 72 11.46 2.75 -16.89
CA GLY B 72 12.23 3.33 -15.78
C GLY B 72 13.12 2.30 -15.10
N THR B 73 13.89 2.82 -14.18
CA THR B 73 14.84 2.04 -13.43
C THR B 73 14.30 1.80 -12.01
N ALA B 74 14.09 0.54 -11.66
CA ALA B 74 13.51 0.23 -10.34
C ALA B 74 14.53 0.50 -9.23
N LEU B 75 13.99 0.98 -8.10
CA LEU B 75 14.85 1.24 -6.95
CA LEU B 75 14.84 1.28 -6.94
C LEU B 75 14.03 1.27 -5.66
N GLY B 76 14.67 1.19 -4.52
CA GLY B 76 14.02 1.39 -3.24
C GLY B 76 15.03 1.83 -2.20
N TRP B 77 14.57 2.46 -1.15
CA TRP B 77 15.45 2.78 -0.02
C TRP B 77 14.67 2.90 1.25
N THR B 78 15.38 2.88 2.37
CA THR B 78 14.86 2.96 3.70
C THR B 78 15.52 4.09 4.50
N VAL B 79 14.73 4.77 5.29
CA VAL B 79 15.25 5.68 6.37
C VAL B 79 14.59 5.11 7.63
N ALA B 80 15.42 4.82 8.62
CA ALA B 80 14.95 4.70 9.99
C ALA B 80 15.06 6.04 10.66
N TRP B 81 14.02 6.47 11.37
CA TRP B 81 13.89 7.86 11.82
C TRP B 81 14.55 8.09 13.18
N LYS B 82 15.76 7.62 13.28
CA LYS B 82 16.69 7.84 14.40
C LYS B 82 17.94 8.53 13.87
N ASN B 83 18.35 9.63 14.49
CA ASN B 83 19.63 10.25 14.15
C ASN B 83 20.29 10.48 15.53
N ASN B 84 21.28 11.40 15.54
CA ASN B 84 22.02 11.62 16.81
C ASN B 84 21.19 12.25 17.90
N SER B 85 20.11 12.93 17.54
CA SER B 85 19.33 13.66 18.55
C SER B 85 17.84 13.38 18.58
N LYS B 86 17.30 12.60 17.66
CA LYS B 86 15.86 12.36 17.53
C LYS B 86 15.67 10.87 17.31
N ASN B 87 14.52 10.40 17.76
CA ASN B 87 14.10 9.00 17.45
C ASN B 87 12.61 8.94 17.46
N ALA B 88 12.03 8.78 16.24
CA ALA B 88 10.60 8.66 16.08
C ALA B 88 10.14 7.18 15.99
N HIS B 89 10.99 6.22 16.34
CA HIS B 89 10.66 4.79 16.45
C HIS B 89 9.86 4.35 15.26
N SER B 90 10.41 4.56 14.08
CA SER B 90 9.71 4.30 12.83
C SER B 90 10.67 4.18 11.70
N ALA B 91 10.22 3.66 10.56
CA ALA B 91 11.06 3.60 9.34
C ALA B 91 10.20 3.73 8.13
N THR B 92 10.65 4.46 7.15
CA THR B 92 9.94 4.53 5.90
C THR B 92 10.73 3.83 4.83
N THR B 93 10.04 3.07 3.97
CA THR B 93 10.64 2.56 2.74
C THR B 93 9.95 3.16 1.56
N TRP B 94 10.74 3.66 0.62
CA TRP B 94 10.27 4.18 -0.68
C TRP B 94 10.56 3.11 -1.74
N SER B 95 9.58 2.77 -2.54
CA SER B 95 9.70 1.81 -3.65
C SER B 95 9.28 2.56 -4.91
N GLY B 96 10.07 2.57 -6.00
CA GLY B 96 9.65 3.28 -7.17
C GLY B 96 10.57 3.10 -8.33
N GLN B 97 10.57 4.06 -9.22
CA GLN B 97 11.39 4.02 -10.38
C GLN B 97 11.89 5.42 -10.74
N TYR B 98 13.09 5.42 -11.24
CA TYR B 98 13.72 6.60 -11.84
C TYR B 98 13.39 6.65 -13.32
N VAL B 99 12.97 7.83 -13.74
CA VAL B 99 12.57 8.08 -15.17
C VAL B 99 13.46 9.23 -15.65
N GLY B 100 14.39 8.95 -16.58
CA GLY B 100 15.34 9.95 -16.99
C GLY B 100 14.74 10.83 -18.07
N GLY B 101 15.57 11.70 -18.61
CA GLY B 101 15.16 12.69 -19.63
C GLY B 101 15.51 14.07 -19.13
N ALA B 102 15.07 15.10 -19.86
CA ALA B 102 15.35 16.47 -19.46
C ALA B 102 14.68 16.73 -18.12
N ASP B 103 13.41 16.32 -18.04
CA ASP B 103 12.60 16.46 -16.82
C ASP B 103 12.62 15.15 -15.95
N ALA B 104 13.78 14.80 -15.38
CA ALA B 104 13.89 13.47 -14.78
C ALA B 104 13.11 13.47 -13.47
N LYS B 105 12.62 12.31 -13.09
CA LYS B 105 11.81 12.17 -11.88
CA LYS B 105 11.77 12.17 -11.89
C LYS B 105 12.14 10.87 -11.23
N ILE B 106 11.89 10.80 -9.92
CA ILE B 106 11.82 9.49 -9.26
C ILE B 106 10.39 9.44 -8.71
N ASN B 107 9.63 8.42 -9.15
CA ASN B 107 8.27 8.29 -8.79
C ASN B 107 8.14 7.14 -7.77
N THR B 108 7.63 7.40 -6.58
CA THR B 108 7.62 6.41 -5.55
C THR B 108 6.28 6.26 -4.80
N GLN B 109 6.13 5.08 -4.20
CA GLN B 109 5.13 4.83 -3.15
C GLN B 109 5.93 4.47 -1.91
N TRP B 110 5.37 4.73 -0.72
CA TRP B 110 6.11 4.50 0.51
C TRP B 110 5.26 3.82 1.58
N LEU B 111 5.92 3.15 2.51
CA LEU B 111 5.33 2.52 3.69
C LEU B 111 6.11 3.03 4.86
N LEU B 112 5.43 3.55 5.87
CA LEU B 112 6.04 4.07 7.08
CA LEU B 112 6.04 4.07 7.10
C LEU B 112 5.51 3.26 8.26
N THR B 113 6.36 2.39 8.83
CA THR B 113 5.95 1.59 9.96
C THR B 113 6.51 2.17 11.27
N SER B 114 5.62 2.29 12.25
CA SER B 114 6.01 2.65 13.60
C SER B 114 6.10 1.43 14.44
N GLY B 115 7.01 1.37 15.41
CA GLY B 115 6.94 0.33 16.39
C GLY B 115 5.69 0.47 17.24
N THR B 116 4.96 -0.61 17.45
CA THR B 116 3.70 -0.60 18.21
C THR B 116 3.66 -1.87 19.03
N THR B 117 2.73 -1.84 19.99
CA THR B 117 2.33 -3.09 20.59
C THR B 117 1.52 -3.94 19.59
N ASN B 118 1.35 -5.22 19.91
CA ASN B 118 0.59 -6.09 19.03
C ASN B 118 -0.86 -5.59 18.94
N ALA B 119 -1.39 -5.04 20.03
CA ALA B 119 -2.77 -4.61 20.02
C ALA B 119 -2.94 -3.43 19.10
N ASN B 120 -1.90 -2.62 18.91
CA ASN B 120 -2.01 -1.46 18.04
C ASN B 120 -1.36 -1.66 16.67
N ALA B 121 -1.00 -2.90 16.35
CA ALA B 121 -0.34 -3.14 15.08
C ALA B 121 -1.14 -2.80 13.88
N TRP B 122 -2.47 -2.86 13.98
CA TRP B 122 -3.29 -2.43 12.84
C TRP B 122 -3.13 -0.94 12.48
N LYS B 123 -2.66 -0.14 13.39
CA LYS B 123 -2.40 1.24 13.06
C LYS B 123 -0.91 1.56 12.99
N SER B 124 -0.10 0.54 12.70
CA SER B 124 1.36 0.72 12.62
C SER B 124 1.84 1.31 11.33
N THR B 125 1.15 1.15 10.20
CA THR B 125 1.81 1.41 8.92
C THR B 125 1.02 2.38 8.07
N LEU B 126 1.62 3.56 7.80
CA LEU B 126 1.09 4.53 6.86
C LEU B 126 1.55 4.19 5.43
N VAL B 127 0.78 4.60 4.46
CA VAL B 127 1.13 4.53 3.06
C VAL B 127 0.94 5.85 2.37
N GLY B 128 1.82 6.13 1.41
CA GLY B 128 1.69 7.32 0.63
C GLY B 128 2.51 7.26 -0.63
N HIS B 129 2.68 8.41 -1.25
CA HIS B 129 3.45 8.54 -2.50
C HIS B 129 4.18 9.83 -2.54
N ASP B 130 5.41 9.77 -3.08
CA ASP B 130 6.27 10.97 -3.18
C ASP B 130 6.87 10.96 -4.60
N THR B 131 6.88 12.13 -5.23
CA THR B 131 7.49 12.34 -6.54
CA THR B 131 7.53 12.32 -6.58
C THR B 131 8.65 13.31 -6.37
N PHE B 132 9.81 12.94 -6.91
CA PHE B 132 11.01 13.73 -6.69
C PHE B 132 11.43 14.31 -8.00
N THR B 133 11.91 15.54 -7.90
CA THR B 133 12.48 16.27 -9.01
C THR B 133 13.90 16.61 -8.67
N LYS B 134 14.79 16.56 -9.64
CA LYS B 134 16.25 16.60 -9.38
C LYS B 134 16.64 18.07 -9.38
N VAL B 135 17.33 18.52 -8.34
CA VAL B 135 17.64 19.95 -8.19
C VAL B 135 19.10 20.22 -8.58
N LYS B 136 19.95 19.21 -8.37
CA LYS B 136 21.35 19.21 -8.87
C LYS B 136 21.71 17.74 -9.18
N GLY C 13 -25.47 -18.82 -8.28
CA GLY C 13 -24.02 -18.62 -8.60
C GLY C 13 -23.10 -19.09 -7.48
N SER C 14 -21.96 -19.66 -7.87
CA SER C 14 -21.06 -20.20 -6.86
C SER C 14 -20.44 -19.08 -5.99
N ALA C 15 -20.01 -18.00 -6.67
CA ALA C 15 -19.40 -16.78 -6.08
C ALA C 15 -20.40 -16.10 -5.20
N GLU C 16 -21.64 -15.95 -5.72
CA GLU C 16 -22.74 -15.34 -4.92
C GLU C 16 -22.95 -16.09 -3.56
N ALA C 17 -23.12 -17.42 -3.64
CA ALA C 17 -23.28 -18.26 -2.42
C ALA C 17 -22.05 -18.33 -1.50
N GLY C 18 -20.84 -18.34 -2.12
CA GLY C 18 -19.64 -18.54 -1.36
C GLY C 18 -19.38 -17.33 -0.47
N ILE C 19 -19.56 -16.14 -1.06
CA ILE C 19 -19.28 -14.85 -0.45
C ILE C 19 -20.36 -14.56 0.64
N THR C 20 -21.63 -14.82 0.32
CA THR C 20 -22.69 -14.51 1.24
C THR C 20 -22.54 -15.29 2.54
N GLY C 21 -22.53 -14.56 3.67
CA GLY C 21 -22.50 -15.14 5.00
C GLY C 21 -21.91 -14.28 6.08
N THR C 22 -21.46 -14.92 7.16
CA THR C 22 -20.81 -14.18 8.24
C THR C 22 -19.37 -14.60 8.33
N TRP C 23 -18.48 -13.59 8.30
CA TRP C 23 -17.05 -13.77 8.28
C TRP C 23 -16.39 -13.14 9.51
N SER C 24 -15.30 -13.73 10.03
CA SER C 24 -14.56 -13.16 11.13
C SER C 24 -13.18 -12.92 10.65
N ASP C 25 -12.62 -11.74 10.98
CA ASP C 25 -11.22 -11.46 10.71
C ASP C 25 -10.30 -12.00 11.80
N GLN C 26 -8.99 -11.91 11.55
CA GLN C 26 -7.99 -12.36 12.53
C GLN C 26 -8.00 -11.50 13.84
N LEU C 27 -8.51 -10.26 13.77
CA LEU C 27 -8.74 -9.42 14.99
C LEU C 27 -10.03 -9.83 15.76
N GLY C 28 -10.77 -10.82 15.24
CA GLY C 28 -12.08 -11.23 15.74
C GLY C 28 -13.26 -10.31 15.43
N ASP C 29 -13.08 -9.31 14.59
CA ASP C 29 -14.23 -8.49 14.16
C ASP C 29 -15.07 -9.26 13.15
N THR C 30 -16.32 -8.83 12.94
CA THR C 30 -17.33 -9.61 12.27
C THR C 30 -17.82 -8.84 11.08
N PHE C 31 -17.90 -9.54 9.95
CA PHE C 31 -18.33 -8.96 8.67
CA PHE C 31 -18.38 -8.98 8.68
C PHE C 31 -19.48 -9.84 8.15
N ILE C 32 -20.68 -9.25 8.04
CA ILE C 32 -21.79 -9.91 7.59
C ILE C 32 -22.09 -9.36 6.20
N VAL C 33 -22.08 -10.24 5.20
CA VAL C 33 -22.21 -9.76 3.83
C VAL C 33 -23.17 -10.59 3.00
N THR C 34 -23.89 -9.90 2.10
CA THR C 34 -24.66 -10.60 1.08
CA THR C 34 -24.69 -10.53 1.10
C THR C 34 -24.19 -10.11 -0.29
N ALA C 35 -24.01 -11.09 -1.19
CA ALA C 35 -23.54 -10.80 -2.53
C ALA C 35 -24.77 -10.96 -3.40
N GLY C 36 -25.02 -10.02 -4.33
CA GLY C 36 -26.17 -10.09 -5.24
C GLY C 36 -25.79 -10.48 -6.66
N ALA C 37 -26.80 -10.85 -7.47
CA ALA C 37 -26.57 -11.45 -8.81
C ALA C 37 -25.95 -10.41 -9.72
N ASP C 38 -26.17 -9.12 -9.40
CA ASP C 38 -25.68 -8.04 -10.18
C ASP C 38 -24.29 -7.61 -9.74
N GLY C 39 -23.51 -8.38 -8.90
CA GLY C 39 -22.19 -7.94 -8.53
C GLY C 39 -22.13 -7.01 -7.31
N ALA C 40 -23.27 -6.58 -6.79
CA ALA C 40 -23.34 -5.81 -5.54
C ALA C 40 -22.96 -6.58 -4.26
N LEU C 41 -22.21 -5.94 -3.38
CA LEU C 41 -22.06 -6.38 -1.98
C LEU C 41 -22.63 -5.33 -1.02
N THR C 42 -23.34 -5.87 -0.02
CA THR C 42 -23.92 -5.04 1.05
C THR C 42 -23.84 -5.79 2.38
N GLY C 43 -23.80 -5.10 3.51
CA GLY C 43 -23.77 -5.81 4.77
C GLY C 43 -23.46 -4.89 5.91
N THR C 44 -22.82 -5.51 6.93
CA THR C 44 -22.51 -4.78 8.11
C THR C 44 -21.19 -5.25 8.73
N TYR C 45 -20.38 -4.29 9.17
CA TYR C 45 -19.17 -4.59 9.95
CA TYR C 45 -19.18 -4.55 10.02
C TYR C 45 -19.60 -4.45 11.45
N GLU C 46 -19.11 -5.32 12.33
CA GLU C 46 -19.45 -5.26 13.75
CA GLU C 46 -19.40 -5.23 13.78
C GLU C 46 -18.16 -5.58 14.55
N ASN C 47 -17.95 -4.98 15.71
CA ASN C 47 -16.74 -5.26 16.51
CA ASN C 47 -16.72 -5.30 16.45
C ASN C 47 -16.73 -6.68 17.13
N ALA C 48 -15.55 -7.08 17.64
CA ALA C 48 -15.36 -8.40 18.24
C ALA C 48 -16.34 -8.65 19.38
N VAL C 49 -16.67 -7.61 20.15
CA VAL C 49 -17.58 -7.76 21.31
C VAL C 49 -19.09 -7.59 20.98
N GLY C 50 -19.47 -7.43 19.71
CA GLY C 50 -20.90 -7.48 19.31
C GLY C 50 -21.77 -6.21 19.42
N ASN C 51 -21.38 -5.31 20.33
CA ASN C 51 -21.93 -3.92 20.47
C ASN C 51 -22.76 -3.32 19.29
N ALA C 52 -24.08 -3.06 19.48
CA ALA C 52 -24.92 -2.42 18.42
C ALA C 52 -24.51 -0.98 18.01
N GLU C 53 -23.82 -0.32 18.95
CA GLU C 53 -23.20 0.99 18.74
C GLU C 53 -21.92 0.84 17.89
N SER C 54 -21.46 -0.40 17.63
CA SER C 54 -20.22 -0.60 16.91
C SER C 54 -20.51 -1.24 15.54
N ARG C 55 -21.72 -1.07 15.01
CA ARG C 55 -22.16 -1.64 13.69
C ARG C 55 -22.18 -0.56 12.66
N TYR C 56 -21.59 -0.85 11.49
CA TYR C 56 -21.49 0.11 10.39
C TYR C 56 -21.81 -0.53 9.07
N VAL C 57 -22.42 0.24 8.21
CA VAL C 57 -22.81 -0.21 6.89
C VAL C 57 -21.58 -0.48 6.03
N LEU C 58 -21.66 -1.53 5.24
CA LEU C 58 -20.69 -1.78 4.14
C LEU C 58 -21.36 -1.91 2.79
N THR C 59 -20.67 -1.38 1.76
CA THR C 59 -21.09 -1.60 0.39
CA THR C 59 -21.07 -1.55 0.41
C THR C 59 -19.89 -1.81 -0.50
N GLY C 60 -20.08 -2.60 -1.56
CA GLY C 60 -18.99 -2.91 -2.45
C GLY C 60 -19.41 -3.67 -3.67
N ARG C 61 -18.44 -4.35 -4.30
CA ARG C 61 -18.70 -5.03 -5.58
C ARG C 61 -17.85 -6.29 -5.63
N TYR C 62 -18.29 -7.26 -6.45
CA TYR C 62 -17.49 -8.44 -6.66
C TYR C 62 -17.66 -8.89 -8.12
N ASP C 63 -16.72 -9.71 -8.60
CA ASP C 63 -16.82 -10.34 -9.90
C ASP C 63 -17.83 -11.50 -9.85
N SER C 64 -19.00 -11.28 -10.47
CA SER C 64 -20.05 -12.25 -10.35
C SER C 64 -19.85 -13.46 -11.29
N ALA C 65 -18.89 -13.37 -12.19
CA ALA C 65 -18.54 -14.47 -13.12
C ALA C 65 -17.03 -14.73 -13.16
N PRO C 66 -16.45 -15.20 -12.00
CA PRO C 66 -15.00 -15.39 -11.93
C PRO C 66 -14.52 -16.50 -12.89
N ALA C 67 -13.22 -16.52 -13.10
CA ALA C 67 -12.56 -17.57 -13.88
C ALA C 67 -12.79 -18.91 -13.18
N THR C 68 -12.73 -20.01 -13.95
CA THR C 68 -12.93 -21.34 -13.35
C THR C 68 -11.66 -22.16 -13.52
N ASP C 69 -10.54 -21.45 -13.48
CA ASP C 69 -9.25 -22.08 -13.65
C ASP C 69 -8.51 -22.27 -12.32
N GLY C 70 -9.22 -22.17 -11.18
CA GLY C 70 -8.57 -22.23 -9.84
C GLY C 70 -8.30 -20.85 -9.22
N SER C 71 -8.53 -19.78 -9.98
CA SER C 71 -8.38 -18.40 -9.49
CA SER C 71 -8.30 -18.47 -9.41
C SER C 71 -9.46 -18.04 -8.48
N GLY C 72 -9.14 -17.20 -7.52
CA GLY C 72 -10.13 -16.63 -6.64
C GLY C 72 -11.05 -15.62 -7.35
N THR C 73 -11.98 -15.11 -6.56
CA THR C 73 -13.01 -14.22 -7.04
C THR C 73 -12.73 -12.83 -6.45
N ALA C 74 -12.47 -11.87 -7.36
CA ALA C 74 -12.07 -10.50 -6.93
C ALA C 74 -13.25 -9.76 -6.32
N LEU C 75 -12.98 -8.97 -5.28
CA LEU C 75 -13.98 -8.15 -4.70
CA LEU C 75 -13.99 -8.19 -4.61
C LEU C 75 -13.40 -6.99 -3.93
N GLY C 76 -14.25 -6.10 -3.47
CA GLY C 76 -13.86 -5.05 -2.58
C GLY C 76 -15.04 -4.38 -1.93
N TRP C 77 -14.81 -3.76 -0.77
CA TRP C 77 -15.92 -3.03 -0.15
C TRP C 77 -15.36 -1.93 0.71
N THR C 78 -16.24 -1.01 1.10
CA THR C 78 -15.99 0.10 1.91
C THR C 78 -16.88 0.19 3.13
N VAL C 79 -16.30 0.64 4.24
CA VAL C 79 -17.02 1.07 5.43
C VAL C 79 -16.59 2.52 5.70
N ALA C 80 -17.54 3.45 5.80
CA ALA C 80 -17.29 4.79 6.39
C ALA C 80 -17.65 4.72 7.86
N TRP C 81 -16.74 5.14 8.73
CA TRP C 81 -16.85 4.91 10.18
C TRP C 81 -17.74 5.95 10.88
N LYS C 82 -18.93 6.11 10.33
CA LYS C 82 -20.03 6.95 10.92
C LYS C 82 -21.23 6.06 11.04
N ASN C 83 -21.88 6.10 12.21
CA ASN C 83 -23.15 5.47 12.44
C ASN C 83 -23.96 6.44 13.31
N ASN C 84 -25.10 6.03 13.86
CA ASN C 84 -25.95 6.93 14.59
C ASN C 84 -25.32 7.47 15.84
N SER C 85 -24.33 6.76 16.37
CA SER C 85 -23.79 7.09 17.67
C SER C 85 -22.34 7.56 17.67
N LYS C 86 -21.61 7.28 16.58
CA LYS C 86 -20.19 7.56 16.54
C LYS C 86 -19.77 8.06 15.14
N ASN C 87 -18.69 8.85 15.12
CA ASN C 87 -18.11 9.25 13.80
C ASN C 87 -16.63 9.43 13.96
N ALA C 88 -15.90 8.51 13.35
CA ALA C 88 -14.45 8.52 13.42
C ALA C 88 -13.79 9.23 12.20
N HIS C 89 -14.59 9.92 11.39
CA HIS C 89 -14.14 10.75 10.26
C HIS C 89 -13.08 10.01 9.45
N SER C 90 -13.48 8.86 8.95
CA SER C 90 -12.57 7.95 8.23
C SER C 90 -13.33 6.88 7.52
N ALA C 91 -12.67 6.21 6.60
CA ALA C 91 -13.29 5.14 5.82
C ALA C 91 -12.19 4.13 5.47
N THR C 92 -12.57 2.86 5.53
CA THR C 92 -11.69 1.76 5.12
C THR C 92 -12.19 1.10 3.87
N THR C 93 -11.28 0.82 2.92
CA THR C 93 -11.62 -0.02 1.80
C THR C 93 -10.80 -1.30 1.89
N TRP C 94 -11.50 -2.45 1.74
CA TRP C 94 -10.85 -3.75 1.62
C TRP C 94 -10.87 -4.16 0.17
N SER C 95 -9.74 -4.66 -0.33
CA SER C 95 -9.60 -5.12 -1.74
C SER C 95 -9.02 -6.53 -1.64
N GLY C 96 -9.65 -7.50 -2.30
CA GLY C 96 -9.15 -8.85 -2.14
C GLY C 96 -9.83 -9.83 -3.04
N GLN C 97 -9.72 -11.10 -2.61
CA GLN C 97 -10.30 -12.21 -3.32
C GLN C 97 -10.83 -13.23 -2.38
N TYR C 98 -11.98 -13.74 -2.79
CA TYR C 98 -12.62 -14.93 -2.19
C TYR C 98 -12.05 -16.21 -2.78
N VAL C 99 -11.64 -17.15 -1.89
CA VAL C 99 -11.07 -18.43 -2.28
C VAL C 99 -11.93 -19.49 -1.62
N GLY C 100 -12.62 -20.24 -2.48
CA GLY C 100 -13.53 -21.28 -2.04
C GLY C 100 -12.87 -22.59 -1.68
N GLY C 101 -13.71 -23.59 -1.40
CA GLY C 101 -13.27 -24.94 -1.10
C GLY C 101 -13.61 -25.25 0.34
N ALA C 102 -12.96 -26.29 0.87
CA ALA C 102 -13.25 -26.81 2.19
C ALA C 102 -12.99 -25.75 3.25
N ASP C 103 -11.87 -25.06 3.11
CA ASP C 103 -11.46 -24.05 4.09
C ASP C 103 -11.53 -22.62 3.41
N ALA C 104 -12.74 -22.12 3.14
CA ALA C 104 -12.95 -20.90 2.35
C ALA C 104 -12.44 -19.68 3.11
N LYS C 105 -11.85 -18.74 2.38
CA LYS C 105 -11.30 -17.50 2.94
C LYS C 105 -11.59 -16.36 2.07
N ILE C 106 -11.60 -15.18 2.68
CA ILE C 106 -11.45 -13.94 1.88
C ILE C 106 -10.13 -13.31 2.34
N ASN C 107 -9.20 -13.14 1.39
CA ASN C 107 -7.90 -12.54 1.66
C ASN C 107 -7.90 -11.13 1.16
N THR C 108 -7.59 -10.22 2.03
CA THR C 108 -7.68 -8.81 1.67
C THR C 108 -6.46 -8.00 2.11
N GLN C 109 -6.28 -6.87 1.42
CA GLN C 109 -5.48 -5.77 1.90
C GLN C 109 -6.40 -4.55 2.00
N TRP C 110 -6.06 -3.65 2.92
CA TRP C 110 -6.99 -2.51 3.11
C TRP C 110 -6.27 -1.21 3.25
N LEU C 111 -7.02 -0.13 2.98
CA LEU C 111 -6.58 1.25 3.13
C LEU C 111 -7.60 1.97 3.99
N LEU C 112 -7.14 2.66 5.00
CA LEU C 112 -8.01 3.40 5.93
C LEU C 112 -7.61 4.85 5.91
N THR C 113 -8.45 5.71 5.27
CA THR C 113 -8.06 7.15 5.15
C THR C 113 -8.91 7.90 6.22
N SER C 114 -8.23 8.75 6.96
CA SER C 114 -8.91 9.69 7.86
C SER C 114 -8.96 11.02 7.16
N GLY C 115 -10.02 11.79 7.47
CA GLY C 115 -10.03 13.18 7.00
C GLY C 115 -8.97 13.97 7.74
N THR C 116 -8.13 14.71 7.01
CA THR C 116 -7.07 15.48 7.61
C THR C 116 -6.98 16.83 6.93
N THR C 117 -6.27 17.76 7.56
CA THR C 117 -5.81 18.95 6.83
C THR C 117 -4.78 18.58 5.77
N ASN C 118 -4.53 19.47 4.79
CA ASN C 118 -3.55 19.15 3.78
CA ASN C 118 -3.52 19.20 3.80
C ASN C 118 -2.17 18.99 4.47
N ALA C 119 -1.85 19.79 5.52
CA ALA C 119 -0.55 19.67 6.22
C ALA C 119 -0.31 18.30 6.77
N ASN C 120 -1.40 17.66 7.20
CA ASN C 120 -1.35 16.32 7.78
C ASN C 120 -1.66 15.20 6.84
N ALA C 121 -1.84 15.52 5.56
CA ALA C 121 -2.29 14.46 4.64
C ALA C 121 -1.33 13.30 4.54
N TRP C 122 -0.03 13.51 4.76
CA TRP C 122 0.88 12.31 4.73
C TRP C 122 0.61 11.29 5.83
N LYS C 123 -0.08 11.68 6.87
CA LYS C 123 -0.43 10.78 7.98
C LYS C 123 -1.88 10.32 7.82
N SER C 124 -2.51 10.53 6.64
CA SER C 124 -3.93 10.25 6.48
C SER C 124 -4.32 8.80 6.27
N THR C 125 -3.43 7.98 5.69
CA THR C 125 -3.85 6.70 5.22
C THR C 125 -3.01 5.54 5.81
N LEU C 126 -3.67 4.66 6.52
CA LEU C 126 -3.11 3.41 7.05
C LEU C 126 -3.30 2.34 6.01
N VAL C 127 -2.42 1.36 6.00
CA VAL C 127 -2.57 0.15 5.19
C VAL C 127 -2.35 -1.07 6.04
N GLY C 128 -3.07 -2.11 5.70
CA GLY C 128 -2.96 -3.40 6.40
C GLY C 128 -3.59 -4.49 5.62
N HIS C 129 -3.78 -5.60 6.32
CA HIS C 129 -4.30 -6.82 5.66
C HIS C 129 -5.14 -7.59 6.64
N ASP C 130 -6.20 -8.17 6.14
CA ASP C 130 -7.18 -8.94 6.97
C ASP C 130 -7.54 -10.21 6.19
N THR C 131 -7.56 -11.35 6.90
CA THR C 131 -7.99 -12.60 6.34
CA THR C 131 -8.02 -12.61 6.30
C THR C 131 -9.22 -13.03 7.07
N PHE C 132 -10.23 -13.37 6.32
CA PHE C 132 -11.48 -13.76 6.89
C PHE C 132 -11.74 -15.24 6.73
N THR C 133 -12.36 -15.81 7.76
CA THR C 133 -12.86 -17.17 7.76
C THR C 133 -14.36 -17.11 7.99
N LYS C 134 -15.08 -18.05 7.39
CA LYS C 134 -16.53 -18.04 7.43
C LYS C 134 -17.00 -18.69 8.74
N VAL C 135 -17.96 -18.05 9.38
CA VAL C 135 -18.50 -18.52 10.68
C VAL C 135 -19.67 -19.47 10.39
N LYS C 136 -20.58 -18.98 9.55
CA LYS C 136 -21.62 -19.78 8.84
C LYS C 136 -22.39 -18.89 7.81
N GLY D 13 -26.44 18.83 2.09
CA GLY D 13 -25.20 19.02 2.94
C GLY D 13 -23.96 19.43 2.14
N SER D 14 -22.97 19.99 2.82
CA SER D 14 -21.79 20.45 2.11
C SER D 14 -20.99 19.29 1.43
N ALA D 15 -20.82 18.16 2.15
CA ALA D 15 -20.06 16.98 1.72
C ALA D 15 -20.81 16.31 0.58
N GLU D 16 -22.13 16.16 0.77
CA GLU D 16 -23.03 15.61 -0.26
C GLU D 16 -22.89 16.41 -1.60
N ALA D 17 -22.99 17.74 -1.52
CA ALA D 17 -22.93 18.55 -2.75
C ALA D 17 -21.54 18.63 -3.40
N GLY D 18 -20.49 18.62 -2.56
CA GLY D 18 -19.16 18.84 -3.08
C GLY D 18 -18.71 17.59 -3.80
N ILE D 19 -19.02 16.40 -3.26
CA ILE D 19 -18.62 15.08 -3.85
C ILE D 19 -19.45 14.78 -5.13
N THR D 20 -20.74 15.09 -5.13
CA THR D 20 -21.59 14.81 -6.28
C THR D 20 -21.12 15.58 -7.51
N GLY D 21 -20.89 14.83 -8.59
CA GLY D 21 -20.56 15.40 -9.87
C GLY D 21 -19.75 14.51 -10.76
N THR D 22 -19.04 15.12 -11.71
CA THR D 22 -18.16 14.36 -12.61
C THR D 22 -16.75 14.77 -12.35
N TRP D 23 -15.91 13.74 -12.16
CA TRP D 23 -14.51 13.91 -11.80
C TRP D 23 -13.56 13.28 -12.83
N SER D 24 -12.38 13.88 -13.09
CA SER D 24 -11.40 13.31 -13.99
C SER D 24 -10.19 12.99 -13.17
N ASP D 25 -9.56 11.84 -13.41
CA ASP D 25 -8.29 11.54 -12.78
C ASP D 25 -7.14 12.05 -13.65
N GLN D 26 -5.93 11.94 -13.12
CA GLN D 26 -4.74 12.40 -13.84
C GLN D 26 -4.44 11.52 -15.14
N LEU D 27 -5.01 10.31 -15.23
CA LEU D 27 -4.93 9.51 -16.48
C LEU D 27 -6.01 9.91 -17.51
N GLY D 28 -6.84 10.90 -17.16
CA GLY D 28 -7.98 11.32 -17.93
C GLY D 28 -9.22 10.41 -17.92
N ASP D 29 -9.27 9.41 -17.07
CA ASP D 29 -10.49 8.59 -16.90
C ASP D 29 -11.54 9.37 -16.09
N THR D 30 -12.81 8.95 -16.17
CA THR D 30 -13.95 9.72 -15.73
C THR D 30 -14.72 8.98 -14.69
N PHE D 31 -15.05 9.70 -13.63
CA PHE D 31 -15.71 9.17 -12.44
CA PHE D 31 -15.80 9.14 -12.50
C PHE D 31 -16.96 10.04 -12.22
N ILE D 32 -18.17 9.45 -12.39
CA ILE D 32 -19.38 10.15 -12.22
C ILE D 32 -19.99 9.60 -10.94
N VAL D 33 -20.21 10.49 -9.95
CA VAL D 33 -20.61 10.05 -8.64
C VAL D 33 -21.74 10.90 -8.09
N THR D 34 -22.63 10.24 -7.36
CA THR D 34 -23.63 10.87 -6.62
C THR D 34 -23.42 10.41 -5.14
N ALA D 35 -23.46 11.41 -4.25
CA ALA D 35 -23.37 11.15 -2.81
C ALA D 35 -24.76 11.33 -2.22
N GLY D 36 -25.19 10.38 -1.39
CA GLY D 36 -26.51 10.40 -0.75
C GLY D 36 -26.50 10.75 0.73
N ALA D 37 -27.66 11.15 1.24
CA ALA D 37 -27.71 11.72 2.60
C ALA D 37 -27.31 10.70 3.67
N ASP D 38 -27.56 9.44 3.35
CA ASP D 38 -27.21 8.33 4.20
C ASP D 38 -25.77 7.88 4.13
N GLY D 39 -24.84 8.64 3.47
CA GLY D 39 -23.45 8.24 3.36
C GLY D 39 -23.11 7.28 2.23
N ALA D 40 -24.07 6.98 1.39
CA ALA D 40 -23.87 6.15 0.20
C ALA D 40 -23.24 6.90 -0.97
N LEU D 41 -22.32 6.22 -1.67
CA LEU D 41 -21.82 6.65 -2.98
C LEU D 41 -22.18 5.61 -4.06
N THR D 42 -22.63 6.17 -5.18
CA THR D 42 -22.99 5.40 -6.39
CA THR D 42 -22.95 5.37 -6.36
C THR D 42 -22.60 6.14 -7.64
N GLY D 43 -22.32 5.43 -8.72
CA GLY D 43 -21.93 6.11 -9.93
C GLY D 43 -21.43 5.17 -10.98
N THR D 44 -20.55 5.75 -11.83
CA THR D 44 -19.96 5.05 -12.90
C THR D 44 -18.51 5.46 -13.19
N TYR D 45 -17.64 4.48 -13.47
CA TYR D 45 -16.28 4.76 -13.96
CA TYR D 45 -16.29 4.73 -14.01
C TYR D 45 -16.36 4.62 -15.49
N GLU D 46 -15.67 5.48 -16.23
CA GLU D 46 -15.70 5.42 -17.68
CA GLU D 46 -15.67 5.44 -17.71
C GLU D 46 -14.28 5.74 -18.17
N ASN D 47 -13.85 5.18 -19.30
CA ASN D 47 -12.48 5.42 -19.77
CA ASN D 47 -12.47 5.46 -19.71
C ASN D 47 -12.23 6.84 -20.34
N ALA D 48 -10.95 7.16 -20.52
CA ALA D 48 -10.53 8.45 -21.04
C ALA D 48 -11.05 8.66 -22.45
N VAL D 49 -11.19 7.58 -23.21
CA VAL D 49 -11.78 7.65 -24.55
C VAL D 49 -13.23 8.16 -24.49
N GLY D 50 -14.06 7.52 -23.65
CA GLY D 50 -15.52 7.82 -23.56
C GLY D 50 -16.40 6.58 -23.71
N ASN D 51 -15.90 5.63 -24.50
CA ASN D 51 -16.49 4.28 -24.76
C ASN D 51 -17.60 3.67 -23.83
N ALA D 52 -18.81 3.40 -24.39
CA ALA D 52 -19.93 2.77 -23.62
C ALA D 52 -19.70 1.34 -23.07
N GLU D 53 -18.89 0.56 -23.77
CA GLU D 53 -18.46 -0.75 -23.29
C GLU D 53 -17.26 -0.62 -22.28
N SER D 54 -16.83 0.60 -21.93
CA SER D 54 -15.80 0.75 -20.90
C SER D 54 -16.39 1.42 -19.65
N ARG D 55 -17.70 1.26 -19.42
CA ARG D 55 -18.41 1.84 -18.26
C ARG D 55 -18.69 0.78 -17.26
N TYR D 56 -18.38 1.07 -16.00
CA TYR D 56 -18.57 0.11 -14.90
C TYR D 56 -19.18 0.77 -13.71
N VAL D 57 -19.97 0.00 -12.98
CA VAL D 57 -20.63 0.47 -11.79
C VAL D 57 -19.63 0.72 -10.66
N LEU D 58 -19.88 1.79 -9.90
CA LEU D 58 -19.19 2.03 -8.62
C LEU D 58 -20.13 2.16 -7.45
N THR D 59 -19.69 1.62 -6.30
CA THR D 59 -20.44 1.80 -5.04
CA THR D 59 -20.42 1.85 -5.07
C THR D 59 -19.44 2.04 -3.93
N GLY D 60 -19.85 2.83 -2.95
CA GLY D 60 -19.02 3.12 -1.81
C GLY D 60 -19.71 3.90 -0.70
N ARG D 61 -18.91 4.54 0.13
CA ARG D 61 -19.40 5.25 1.33
C ARG D 61 -18.54 6.50 1.56
N TYR D 62 -19.13 7.51 2.24
CA TYR D 62 -18.38 8.67 2.65
C TYR D 62 -18.93 9.13 4.02
N ASP D 63 -18.12 9.92 4.70
CA ASP D 63 -18.51 10.56 5.95
C ASP D 63 -19.45 11.70 5.67
N SER D 64 -20.74 11.51 5.98
CA SER D 64 -21.74 12.51 5.68
C SER D 64 -21.74 13.71 6.63
N ALA D 65 -20.97 13.60 7.71
CA ALA D 65 -20.84 14.73 8.66
C ALA D 65 -19.38 14.92 9.04
N PRO D 66 -18.56 15.39 8.04
CA PRO D 66 -17.14 15.56 8.34
C PRO D 66 -16.85 16.64 9.38
N ALA D 67 -15.63 16.62 9.90
CA ALA D 67 -15.18 17.70 10.80
C ALA D 67 -15.22 19.05 10.07
N THR D 68 -15.35 20.13 10.83
CA THR D 68 -15.38 21.48 10.22
C THR D 68 -14.14 22.29 10.65
N ASP D 69 -13.05 21.58 10.85
CA ASP D 69 -11.82 22.16 11.34
C ASP D 69 -10.79 22.34 10.21
N GLY D 70 -11.21 22.24 8.95
CA GLY D 70 -10.26 22.29 7.84
C GLY D 70 -9.87 20.91 7.28
N SER D 71 -10.28 19.84 7.95
CA SER D 71 -10.05 18.46 7.50
CA SER D 71 -9.97 18.51 7.43
C SER D 71 -10.90 18.12 6.27
N GLY D 72 -10.34 17.29 5.39
CA GLY D 72 -11.11 16.68 4.32
C GLY D 72 -12.18 15.70 4.82
N THR D 73 -12.96 15.21 3.84
CA THR D 73 -14.09 14.31 4.06
C THR D 73 -13.68 12.92 3.57
N ALA D 74 -13.64 11.97 4.50
CA ALA D 74 -13.19 10.61 4.18
C ALA D 74 -14.20 9.91 3.28
N LEU D 75 -13.71 9.09 2.32
CA LEU D 75 -14.58 8.31 1.49
C LEU D 75 -13.82 7.13 0.91
N GLY D 76 -14.57 6.24 0.29
CA GLY D 76 -14.00 5.12 -0.51
C GLY D 76 -15.05 4.51 -1.39
N TRP D 77 -14.58 3.89 -2.48
CA TRP D 77 -15.51 3.23 -3.36
C TRP D 77 -14.77 2.07 -4.06
N THR D 78 -15.57 1.20 -4.67
CA THR D 78 -15.14 0.02 -5.36
C THR D 78 -15.70 -0.06 -6.78
N VAL D 79 -14.87 -0.46 -7.73
CA VAL D 79 -15.33 -0.89 -9.06
C VAL D 79 -14.88 -2.36 -9.23
N ALA D 80 -15.81 -3.27 -9.51
CA ALA D 80 -15.45 -4.62 -10.06
C ALA D 80 -15.46 -4.54 -11.57
N TRP D 81 -14.38 -4.99 -12.18
CA TRP D 81 -14.15 -4.75 -13.62
C TRP D 81 -14.88 -5.78 -14.51
N LYS D 82 -16.15 -5.95 -14.23
CA LYS D 82 -17.10 -6.76 -15.08
C LYS D 82 -18.22 -5.82 -15.51
N ASN D 83 -18.57 -5.84 -16.80
CA ASN D 83 -19.76 -5.22 -17.30
C ASN D 83 -20.35 -6.18 -18.34
N ASN D 84 -21.38 -5.73 -19.04
CA ASN D 84 -22.01 -6.62 -19.99
C ASN D 84 -21.12 -7.13 -21.09
N SER D 85 -20.04 -6.43 -21.38
CA SER D 85 -19.22 -6.83 -22.53
C SER D 85 -17.81 -7.31 -22.21
N LYS D 86 -17.35 -7.03 -20.98
CA LYS D 86 -15.97 -7.35 -20.59
C LYS D 86 -15.90 -7.85 -19.14
N ASN D 87 -14.88 -8.67 -18.86
CA ASN D 87 -14.62 -9.12 -17.48
C ASN D 87 -13.14 -9.29 -17.28
N ALA D 88 -12.53 -8.36 -16.51
CA ALA D 88 -11.10 -8.39 -16.24
C ALA D 88 -10.79 -9.09 -14.90
N HIS D 89 -11.77 -9.79 -14.32
CA HIS D 89 -11.60 -10.63 -13.11
C HIS D 89 -10.76 -9.88 -12.06
N SER D 90 -11.26 -8.73 -11.65
CA SER D 90 -10.47 -7.85 -10.75
C SER D 90 -11.39 -6.77 -10.23
N ALA D 91 -10.96 -6.12 -9.17
CA ALA D 91 -11.71 -5.03 -8.57
C ALA D 91 -10.71 -4.05 -7.98
N THR D 92 -11.03 -2.79 -8.14
CA THR D 92 -10.25 -1.70 -7.51
C THR D 92 -11.02 -1.02 -6.41
N THR D 93 -10.34 -0.74 -5.27
CA THR D 93 -10.93 0.11 -4.26
C THR D 93 -10.07 1.37 -4.16
N TRP D 94 -10.73 2.50 -4.16
CA TRP D 94 -10.09 3.83 -3.91
C TRP D 94 -10.48 4.26 -2.48
N SER D 95 -9.49 4.70 -1.73
CA SER D 95 -9.67 5.19 -0.37
C SER D 95 -9.06 6.58 -0.33
N GLY D 96 -9.78 7.60 0.16
CA GLY D 96 -9.19 8.89 0.21
C GLY D 96 -10.09 9.90 0.90
N GLN D 97 -9.89 11.16 0.47
CA GLN D 97 -10.61 12.28 1.05
C GLN D 97 -10.92 13.29 0.00
N TYR D 98 -12.12 13.87 0.14
CA TYR D 98 -12.55 15.06 -0.62
C TYR D 98 -12.13 16.34 0.09
N VAL D 99 -11.48 17.25 -0.66
CA VAL D 99 -10.99 18.53 -0.15
C VAL D 99 -11.70 19.60 -0.98
N GLY D 100 -12.52 20.38 -0.30
CA GLY D 100 -13.33 21.41 -0.90
C GLY D 100 -12.57 22.71 -1.10
N GLY D 101 -13.31 23.73 -1.55
CA GLY D 101 -12.76 25.06 -1.77
C GLY D 101 -12.75 25.39 -3.25
N ALA D 102 -11.95 26.41 -3.56
CA ALA D 102 -11.75 26.93 -4.91
C ALA D 102 -11.54 25.80 -5.93
N ASP D 103 -10.41 25.12 -5.84
CA ASP D 103 -10.17 23.96 -6.73
C ASP D 103 -10.24 22.65 -5.90
N ALA D 104 -11.45 22.11 -5.86
CA ALA D 104 -11.78 20.98 -5.03
C ALA D 104 -11.13 19.78 -5.66
N LYS D 105 -10.73 18.83 -4.83
CA LYS D 105 -10.02 17.62 -5.27
CA LYS D 105 -10.04 17.61 -5.28
C LYS D 105 -10.54 16.42 -4.49
N ILE D 106 -10.43 15.24 -5.08
CA ILE D 106 -10.50 14.02 -4.25
C ILE D 106 -9.13 13.38 -4.41
N ASN D 107 -8.44 13.21 -3.30
CA ASN D 107 -7.13 12.59 -3.25
C ASN D 107 -7.26 11.18 -2.77
N THR D 108 -6.78 10.22 -3.55
CA THR D 108 -6.96 8.81 -3.24
C THR D 108 -5.71 8.01 -3.40
N GLN D 109 -5.71 6.88 -2.68
CA GLN D 109 -4.82 5.77 -2.92
C GLN D 109 -5.70 4.57 -3.26
N TRP D 110 -5.21 3.65 -4.08
CA TRP D 110 -6.06 2.55 -4.49
C TRP D 110 -5.37 1.20 -4.44
N LEU D 111 -6.15 0.13 -4.34
CA LEU D 111 -5.73 -1.26 -4.40
C LEU D 111 -6.51 -1.98 -5.46
N LEU D 112 -5.84 -2.65 -6.36
CA LEU D 112 -6.51 -3.38 -7.46
C LEU D 112 -6.14 -4.84 -7.32
N THR D 113 -7.12 -5.68 -6.92
CA THR D 113 -6.84 -7.11 -6.74
C THR D 113 -7.42 -7.87 -7.96
N SER D 114 -6.60 -8.72 -8.53
CA SER D 114 -7.04 -9.63 -9.56
C SER D 114 -7.26 -10.98 -8.88
N GLY D 115 -8.23 -11.74 -9.41
CA GLY D 115 -8.40 -13.14 -8.97
C GLY D 115 -7.21 -13.94 -9.46
N THR D 116 -6.59 -14.71 -8.59
CA THR D 116 -5.40 -15.49 -8.89
C THR D 116 -5.47 -16.82 -8.21
N THR D 117 -4.62 -17.75 -8.66
CA THR D 117 -4.41 -18.97 -7.87
C THR D 117 -3.63 -18.63 -6.59
N ASN D 118 -3.63 -19.52 -5.60
CA ASN D 118 -2.86 -19.26 -4.38
C ASN D 118 -1.38 -19.07 -4.73
N ALA D 119 -0.84 -19.86 -5.67
CA ALA D 119 0.58 -19.76 -6.09
C ALA D 119 0.95 -18.41 -6.59
N ASN D 120 0.01 -17.73 -7.22
CA ASN D 120 0.22 -16.39 -7.78
C ASN D 120 -0.35 -15.26 -6.94
N ALA D 121 -0.79 -15.59 -5.73
CA ALA D 121 -1.41 -14.54 -4.90
C ALA D 121 -0.49 -13.38 -4.57
N TRP D 122 0.83 -13.62 -4.50
CA TRP D 122 1.73 -12.49 -4.26
C TRP D 122 1.75 -11.44 -5.40
N LYS D 123 1.30 -11.82 -6.57
CA LYS D 123 1.20 -10.94 -7.75
CA LYS D 123 1.22 -10.78 -7.59
C LYS D 123 -0.23 -10.41 -7.91
N SER D 124 -1.11 -10.61 -6.90
CA SER D 124 -2.52 -10.30 -7.09
C SER D 124 -2.93 -8.85 -6.95
N THR D 125 -2.16 -8.05 -6.20
CA THR D 125 -2.63 -6.76 -5.80
C THR D 125 -1.70 -5.60 -6.18
N LEU D 126 -2.15 -4.71 -7.06
CA LEU D 126 -1.46 -3.49 -7.42
C LEU D 126 -1.92 -2.39 -6.48
N VAL D 127 -1.03 -1.41 -6.26
CA VAL D 127 -1.32 -0.22 -5.49
C VAL D 127 -0.94 1.00 -6.25
N GLY D 128 -1.69 2.07 -6.11
CA GLY D 128 -1.36 3.32 -6.74
C GLY D 128 -2.14 4.46 -6.14
N HIS D 129 -2.20 5.57 -6.83
CA HIS D 129 -2.80 6.80 -6.32
C HIS D 129 -3.38 7.57 -7.46
N ASP D 130 -4.54 8.16 -7.23
CA ASP D 130 -5.28 8.96 -8.25
C ASP D 130 -5.76 10.25 -7.57
N THR D 131 -5.64 11.39 -8.28
CA THR D 131 -6.14 12.65 -7.81
CA THR D 131 -6.19 12.64 -7.78
C THR D 131 -7.16 13.07 -8.83
N PHE D 132 -8.34 13.42 -8.36
CA PHE D 132 -9.38 13.82 -9.21
C PHE D 132 -9.66 15.30 -9.07
N THR D 133 -10.01 15.90 -10.23
CA THR D 133 -10.49 17.27 -10.31
C THR D 133 -11.89 17.25 -10.90
N LYS D 134 -12.72 18.17 -10.47
CA LYS D 134 -14.12 18.15 -10.82
C LYS D 134 -14.32 18.79 -12.21
N VAL D 135 -15.10 18.12 -13.04
CA VAL D 135 -15.34 18.58 -14.42
C VAL D 135 -16.60 19.45 -14.44
N LYS D 136 -16.53 20.60 -15.11
CA LYS D 136 -17.50 21.71 -14.98
C LYS D 136 -18.84 21.47 -15.70
CAV ZOF E . 3.55 -8.59 -12.32
OAX ZOF E . 3.07 -9.73 -12.47
CAU ZOF E . 4.97 -8.21 -12.49
CAT ZOF E . 5.72 -8.84 -11.36
CAS ZOF E . 7.16 -8.71 -11.66
CAR ZOF E . 7.93 -9.10 -10.46
CAQ ZOF E . 9.41 -9.11 -10.88
NAO ZOF E . 10.24 -9.54 -9.81
CAN ZOF E . 10.40 -10.77 -9.36
OAP ZOF E . 9.79 -11.75 -9.84
CAM ZOF E . 11.41 -11.04 -8.24
CAL ZOF E . 10.83 -11.79 -7.05
CAK ZOF E . 9.85 -11.04 -6.21
CAI ZOF E . 9.31 -11.95 -5.13
CAH ZOF E . 8.32 -11.22 -4.21
SAG ZOF E . 9.13 -10.00 -3.11
CAF ZOF E . 7.64 -9.95 -2.19
CAC ZOF E . 6.97 -11.29 -2.06
CAD ZOF E . 7.47 -12.14 -3.27
NAE ZOF E . 8.30 -13.14 -2.73
CAA ZOF E . 8.16 -13.17 -1.34
NAJ ZOF E . 9.03 -13.91 -0.59
NAB ZOF E . 7.65 -11.97 -0.98
CAV ZOF F . 0.75 8.40 12.99
OAX ZOF F . 0.32 9.58 13.01
CAU ZOF F . 2.10 8.07 13.50
CAT ZOF F . 3.06 8.65 12.54
CAS ZOF F . 4.43 8.43 13.09
CAR ZOF F . 5.47 8.90 12.19
CAQ ZOF F . 6.81 8.92 12.93
NAO ZOF F . 7.88 9.29 12.09
CAN ZOF F . 8.13 10.49 11.68
OAP ZOF F . 7.45 11.51 12.02
CAM ZOF F . 9.37 10.74 10.82
CAL ZOF F . 9.12 11.53 9.54
CAK ZOF F . 8.29 10.83 8.49
CAI ZOF F . 7.99 11.71 7.30
CAH ZOF F . 7.26 10.99 6.20
SAG ZOF F . 8.32 9.77 5.28
CAF ZOF F . 7.09 9.73 4.03
CAC ZOF F . 6.46 11.06 3.78
CAD ZOF F . 6.70 11.88 5.09
NAE ZOF F . 7.66 12.89 4.73
CAA ZOF F . 7.86 12.94 3.34
NAJ ZOF F . 8.86 13.66 2.79
NAB ZOF F . 7.36 11.76 2.88
NAA EDN G . -3.53 6.97 12.50
CAB EDN G . -2.17 6.71 12.89
CAC EDN G . -1.27 7.53 12.07
NAD EDN G . 0.05 7.40 12.61
CAV ZOF H . -4.40 6.68 13.42
OAX ZOF H . -4.23 6.09 14.49
CAU ZOF H . -5.74 7.08 13.07
CAT ZOF H . -6.58 5.85 12.89
CAS ZOF H . -7.91 6.52 12.82
CAR ZOF H . -8.84 5.44 12.56
CAQ ZOF H . -10.19 6.03 12.86
NAO ZOF H . -11.10 5.03 12.53
CAN ZOF H . -11.39 4.06 13.36
OAP ZOF H . -10.93 3.82 14.49
CAM ZOF H . -12.47 3.14 12.92
CAL ZOF H . -12.14 1.65 13.08
CAK ZOF H . -11.11 1.13 12.07
CAI ZOF H . -10.80 -0.31 12.29
CAH ZOF H . -9.78 -0.86 11.24
SAG ZOF H . -10.49 -1.16 9.63
CAF ZOF H . -9.07 -2.06 9.14
CAC ZOF H . -8.57 -2.88 10.34
CAD ZOF H . -9.11 -2.18 11.53
NAE ZOF H . -9.88 -3.09 12.20
CAA ZOF H . -10.35 -4.14 11.34
NAJ ZOF H . -10.92 -5.32 11.81
NAB ZOF H . -9.33 -4.15 10.36
CAV ZOF I . -1.34 -6.74 -13.95
OAX ZOF I . -0.89 -6.17 -14.94
CAU ZOF I . -2.73 -7.15 -13.90
CAT ZOF I . -3.52 -5.87 -13.94
CAS ZOF I . -4.91 -6.45 -14.08
CAR ZOF I . -5.83 -5.33 -14.19
CAQ ZOF I . -7.07 -5.99 -14.70
NAO ZOF I . -7.99 -4.96 -14.62
CAN ZOF I . -8.09 -3.97 -15.47
OAP ZOF I . -7.37 -3.75 -16.45
CAM ZOF I . -9.24 -3.04 -15.29
CAL ZOF I . -8.88 -1.56 -15.38
CAK ZOF I . -8.09 -0.97 -14.16
CAI ZOF I . -7.65 0.44 -14.31
CAH ZOF I . -6.92 0.97 -13.04
SAG ZOF I . -7.99 1.22 -11.61
CAF ZOF I . -6.70 2.12 -10.81
CAC ZOF I . -5.96 2.93 -11.85
CAD ZOF I . -6.19 2.27 -13.16
NAE ZOF I . -6.81 3.13 -13.99
CAA ZOF I . -6.95 4.44 -13.42
NAJ ZOF I . -7.99 5.28 -13.80
NAB ZOF I . -6.70 4.20 -12.07
NAA EDN J . -0.69 -7.05 -12.88
CAB EDN J . 0.71 -6.78 -12.92
CAC EDN J . 1.37 -7.66 -11.99
NAD EDN J . 2.81 -7.55 -12.16
#